data_6FEJ
#
_entry.id   6FEJ
#
_cell.length_a   81.080
_cell.length_b   81.080
_cell.length_c   162.943
_cell.angle_alpha   90.000
_cell.angle_beta   90.000
_cell.angle_gamma   120.000
#
_symmetry.space_group_name_H-M   'P 65 2 2'
#
loop_
_entity.id
_entity.type
_entity.pdbx_description
1 polymer 'All4940 protein'
2 non-polymer UREA
3 water water
#
_entity_poly.entity_id   1
_entity_poly.type   'polypeptide(L)'
_entity_poly.pdbx_seq_one_letter_code
;SIAGITEPTILQYFATLNAGEFAATAALFAVDGVMYPPFESGIVGPDAIAAYLQQEAQGIKAEPQQGLAETSEDGHTQVQ
VSGKAQTSWCGVNVLWLFTLNQEKQIIHTQIKLLASPQELLALR
;
_entity_poly.pdbx_strand_id   A,B
#
loop_
_chem_comp.id
_chem_comp.type
_chem_comp.name
_chem_comp.formula
URE non-polymer UREA 'C H4 N2 O'
#
# COMPACT_ATOMS: atom_id res chain seq x y z
N SER A 1 -3.08 20.03 -1.22
CA SER A 1 -2.08 19.32 -2.07
C SER A 1 -1.24 18.35 -1.26
N ILE A 2 -0.55 17.45 -1.96
CA ILE A 2 0.17 16.34 -1.32
C ILE A 2 1.58 16.25 -1.94
N ALA A 3 2.55 15.96 -1.08
CA ALA A 3 3.96 15.97 -1.48
C ALA A 3 4.26 14.81 -2.41
N GLY A 4 4.62 15.12 -3.65
CA GLY A 4 4.90 14.10 -4.67
C GLY A 4 3.73 13.79 -5.60
N ILE A 5 2.55 14.29 -5.27
CA ILE A 5 1.34 14.02 -6.01
C ILE A 5 0.76 15.31 -6.56
N THR A 6 0.51 15.31 -7.86
CA THR A 6 -0.20 16.39 -8.52
C THR A 6 -1.41 15.89 -9.32
N GLU A 7 -1.72 14.59 -9.27
CA GLU A 7 -2.85 14.02 -10.03
C GLU A 7 -4.20 14.60 -9.53
N PRO A 8 -4.91 15.39 -10.39
CA PRO A 8 -6.12 16.09 -9.92
C PRO A 8 -7.18 15.20 -9.27
N THR A 9 -7.44 14.01 -9.82
CA THR A 9 -8.46 13.14 -9.25
C THR A 9 -8.18 12.88 -7.77
N ILE A 10 -6.94 12.60 -7.42
CA ILE A 10 -6.59 12.29 -6.03
C ILE A 10 -6.72 13.55 -5.15
N LEU A 11 -6.30 14.70 -5.65
CA LEU A 11 -6.49 15.94 -4.90
C LEU A 11 -7.97 16.17 -4.59
N GLN A 12 -8.83 15.94 -5.58
CA GLN A 12 -10.27 16.11 -5.39
C GLN A 12 -10.87 15.07 -4.43
N TYR A 13 -10.44 13.82 -4.54
CA TYR A 13 -10.86 12.79 -3.59
C TYR A 13 -10.78 13.35 -2.16
N PHE A 14 -9.61 13.84 -1.77
CA PHE A 14 -9.37 14.31 -0.39
C PHE A 14 -10.04 15.66 -0.12
N ALA A 15 -10.09 16.49 -1.14
CA ALA A 15 -10.71 17.81 -1.03
C ALA A 15 -12.19 17.68 -0.73
N THR A 16 -12.92 16.98 -1.62
CA THR A 16 -14.35 16.76 -1.45
C THR A 16 -14.64 15.99 -0.16
N LEU A 17 -13.80 15.01 0.17
CA LEU A 17 -14.01 14.20 1.37
C LEU A 17 -14.02 15.09 2.61
N ASN A 18 -12.98 15.91 2.78
CA ASN A 18 -12.89 16.90 3.88
C ASN A 18 -13.90 18.05 3.90
N ALA A 19 -14.80 18.11 2.92
CA ALA A 19 -15.86 19.09 2.89
C ALA A 19 -17.23 18.44 3.17
N GLY A 20 -17.24 17.12 3.31
CA GLY A 20 -18.47 16.37 3.47
C GLY A 20 -19.28 16.24 2.17
N GLU A 21 -18.63 16.46 1.01
CA GLU A 21 -19.27 16.29 -0.28
C GLU A 21 -19.12 14.82 -0.72
N PHE A 22 -19.80 13.95 0.01
CA PHE A 22 -19.59 12.52 -0.10
C PHE A 22 -20.05 11.94 -1.44
N ALA A 23 -21.15 12.44 -1.99
CA ALA A 23 -21.58 12.01 -3.31
C ALA A 23 -20.64 12.54 -4.41
N ALA A 24 -19.96 13.66 -4.16
CA ALA A 24 -18.96 14.19 -5.09
C ALA A 24 -17.72 13.31 -5.09
N THR A 25 -17.22 13.02 -3.89
CA THR A 25 -16.16 12.03 -3.74
C THR A 25 -16.54 10.76 -4.49
N ALA A 26 -17.72 10.21 -4.19
CA ALA A 26 -18.14 8.96 -4.81
C ALA A 26 -18.32 9.05 -6.32
N ALA A 27 -18.55 10.27 -6.82
CA ALA A 27 -18.68 10.49 -8.26
C ALA A 27 -17.38 10.21 -8.97
N LEU A 28 -16.26 10.39 -8.26
CA LEU A 28 -14.92 10.15 -8.80
C LEU A 28 -14.70 8.70 -9.22
N PHE A 29 -15.52 7.78 -8.72
CA PHE A 29 -15.35 6.36 -9.04
C PHE A 29 -16.06 6.01 -10.31
N ALA A 30 -15.54 5.05 -11.05
CA ALA A 30 -16.30 4.41 -12.12
C ALA A 30 -17.57 3.83 -11.50
N VAL A 31 -18.61 3.62 -12.30
CA VAL A 31 -19.90 3.17 -11.77
C VAL A 31 -19.84 1.79 -11.09
N ASP A 32 -18.85 0.98 -11.48
CA ASP A 32 -18.59 -0.31 -10.85
C ASP A 32 -17.26 -0.30 -10.08
N GLY A 33 -16.77 0.91 -9.76
CA GLY A 33 -15.58 1.09 -8.93
C GLY A 33 -15.82 0.57 -7.52
N VAL A 34 -14.73 0.15 -6.87
CA VAL A 34 -14.84 -0.48 -5.56
C VAL A 34 -13.99 0.23 -4.53
N MET A 35 -14.56 0.51 -3.38
CA MET A 35 -13.75 0.93 -2.27
C MET A 35 -13.54 -0.25 -1.31
N TYR A 36 -12.31 -0.44 -0.87
CA TYR A 36 -11.99 -1.46 0.10
C TYR A 36 -11.60 -0.80 1.42
N PRO A 37 -12.53 -0.67 2.36
CA PRO A 37 -12.23 0.03 3.59
C PRO A 37 -11.57 -0.91 4.61
N PRO A 38 -10.97 -0.36 5.68
CA PRO A 38 -10.24 -1.13 6.70
C PRO A 38 -10.96 -2.32 7.33
N PHE A 39 -12.24 -2.21 7.62
CA PHE A 39 -12.91 -3.24 8.42
C PHE A 39 -14.01 -4.02 7.69
N GLU A 40 -14.62 -3.43 6.68
CA GLU A 40 -15.63 -4.18 5.90
C GLU A 40 -15.00 -4.76 4.65
N SER A 41 -15.77 -5.60 3.96
CA SER A 41 -15.39 -6.09 2.63
C SER A 41 -15.65 -4.94 1.66
N GLY A 42 -15.47 -5.20 0.37
CA GLY A 42 -15.58 -4.17 -0.65
C GLY A 42 -16.96 -3.56 -0.77
N ILE A 43 -16.99 -2.27 -1.09
CA ILE A 43 -18.21 -1.52 -1.33
C ILE A 43 -18.22 -1.11 -2.80
N VAL A 44 -19.30 -1.47 -3.50
CA VAL A 44 -19.39 -1.28 -4.95
C VAL A 44 -20.37 -0.18 -5.36
N GLY A 45 -19.88 0.74 -6.20
CA GLY A 45 -20.69 1.81 -6.78
C GLY A 45 -20.86 3.08 -5.94
N PRO A 46 -20.76 4.27 -6.59
CA PRO A 46 -20.94 5.58 -5.96
C PRO A 46 -22.02 5.70 -4.86
N ASP A 47 -23.15 5.01 -5.00
CA ASP A 47 -24.18 5.09 -3.95
C ASP A 47 -23.80 4.40 -2.64
N ALA A 48 -23.45 3.12 -2.71
CA ALA A 48 -22.97 2.41 -1.53
C ALA A 48 -21.70 3.07 -0.99
N ILE A 49 -20.85 3.54 -1.90
CA ILE A 49 -19.65 4.29 -1.51
C ILE A 49 -20.00 5.58 -0.79
N ALA A 50 -20.92 6.36 -1.33
CA ALA A 50 -21.24 7.65 -0.73
C ALA A 50 -21.91 7.45 0.61
N ALA A 51 -22.73 6.41 0.73
CA ALA A 51 -23.33 6.03 2.01
C ALA A 51 -22.24 5.75 3.03
N TYR A 52 -21.34 4.84 2.69
CA TYR A 52 -20.23 4.49 3.55
C TYR A 52 -19.49 5.73 4.04
N LEU A 53 -19.01 6.56 3.11
CA LEU A 53 -18.25 7.75 3.46
C LEU A 53 -19.04 8.70 4.36
N GLN A 54 -20.32 8.90 4.08
CA GLN A 54 -21.09 9.85 4.86
C GLN A 54 -21.34 9.31 6.28
N GLN A 55 -21.67 8.05 6.40
CA GLN A 55 -21.93 7.49 7.72
C GLN A 55 -20.78 6.70 8.33
N GLU A 56 -19.56 7.21 8.20
CA GLU A 56 -18.38 6.62 8.80
C GLU A 56 -17.42 7.75 8.89
N ALA A 57 -17.00 8.24 7.75
CA ALA A 57 -16.07 9.38 7.69
C ALA A 57 -16.71 10.69 8.21
N GLN A 58 -17.88 10.57 8.83
CA GLN A 58 -18.42 11.64 9.67
C GLN A 58 -17.42 11.96 10.78
N GLY A 59 -17.10 13.24 10.93
CA GLY A 59 -16.23 13.71 12.02
C GLY A 59 -14.75 13.44 11.88
N ILE A 60 -14.33 12.93 10.72
CA ILE A 60 -12.94 12.55 10.48
C ILE A 60 -12.30 13.61 9.59
N LYS A 61 -11.02 13.83 9.80
CA LYS A 61 -10.23 14.67 8.93
C LYS A 61 -9.14 13.77 8.36
N ALA A 62 -9.17 13.58 7.05
CA ALA A 62 -8.11 12.83 6.37
C ALA A 62 -7.00 13.80 6.07
N GLU A 63 -5.78 13.39 6.40
CA GLU A 63 -4.61 14.26 6.34
C GLU A 63 -3.52 13.63 5.50
N PRO A 64 -3.65 13.70 4.16
CA PRO A 64 -2.64 13.15 3.26
C PRO A 64 -1.36 13.99 3.24
N GLN A 65 -0.23 13.37 3.57
CA GLN A 65 1.06 14.02 3.71
C GLN A 65 1.92 13.90 2.45
N GLN A 66 2.06 12.68 1.96
CA GLN A 66 2.98 12.37 0.86
C GLN A 66 2.40 11.23 0.03
N GLY A 67 2.94 11.07 -1.19
CA GLY A 67 2.46 10.01 -2.07
C GLY A 67 3.40 9.66 -3.21
N LEU A 68 3.17 8.48 -3.80
CA LEU A 68 3.87 8.00 -4.99
C LEU A 68 2.86 7.76 -6.09
N ALA A 69 3.33 7.73 -7.32
CA ALA A 69 2.48 7.42 -8.47
C ALA A 69 3.27 6.64 -9.50
N GLU A 70 2.58 5.76 -10.21
CA GLU A 70 3.16 4.93 -11.26
C GLU A 70 2.16 4.80 -12.38
N THR A 71 2.64 4.36 -13.53
CA THR A 71 1.76 3.86 -14.57
C THR A 71 2.11 2.41 -14.80
N SER A 72 1.10 1.57 -14.63
CA SER A 72 1.23 0.17 -14.95
C SER A 72 1.09 0.01 -16.46
N GLU A 73 1.56 -1.13 -16.95
CA GLU A 73 1.65 -1.39 -18.37
C GLU A 73 0.29 -1.54 -19.08
N ASP A 74 -0.79 -1.71 -18.32
CA ASP A 74 -2.13 -1.71 -18.89
C ASP A 74 -2.76 -0.30 -18.94
N GLY A 75 -1.94 0.74 -18.78
CA GLY A 75 -2.40 2.14 -18.84
C GLY A 75 -3.09 2.70 -17.59
N HIS A 76 -3.18 1.91 -16.52
CA HIS A 76 -3.83 2.39 -15.30
C HIS A 76 -2.80 3.19 -14.52
N THR A 77 -3.27 4.21 -13.81
CA THR A 77 -2.41 5.00 -12.94
C THR A 77 -2.58 4.51 -11.54
N GLN A 78 -1.47 4.22 -10.87
CA GLN A 78 -1.49 3.74 -9.51
C GLN A 78 -0.93 4.83 -8.63
N VAL A 79 -1.66 5.18 -7.58
CA VAL A 79 -1.24 6.24 -6.68
C VAL A 79 -1.34 5.79 -5.24
N GLN A 80 -0.22 5.85 -4.52
CA GLN A 80 -0.19 5.52 -3.12
C GLN A 80 0.01 6.82 -2.33
N VAL A 81 -0.82 7.03 -1.33
CA VAL A 81 -0.77 8.21 -0.49
C VAL A 81 -0.76 7.79 0.98
N SER A 82 0.20 8.32 1.75
CA SER A 82 0.24 8.07 3.18
C SER A 82 -0.09 9.33 3.96
N GLY A 83 -0.64 9.14 5.16
CA GLY A 83 -0.99 10.25 6.02
C GLY A 83 -1.66 9.77 7.28
N LYS A 84 -2.58 10.59 7.80
CA LYS A 84 -3.31 10.29 9.01
C LYS A 84 -4.78 10.57 8.80
N ALA A 85 -5.60 10.00 9.66
CA ALA A 85 -7.02 10.23 9.65
C ALA A 85 -7.36 10.49 11.10
N GLN A 86 -7.40 11.75 11.49
CA GLN A 86 -7.66 12.06 12.87
C GLN A 86 -8.97 12.65 13.21
N THR A 87 -9.30 12.47 14.46
CA THR A 87 -10.43 13.11 15.08
C THR A 87 -9.84 13.97 16.20
N SER A 88 -10.67 14.27 17.17
CA SER A 88 -10.23 15.07 18.28
C SER A 88 -9.67 14.19 19.34
N TRP A 89 -10.31 13.05 19.54
CA TRP A 89 -9.92 12.11 20.58
C TRP A 89 -9.01 10.92 20.20
N CYS A 90 -8.88 10.62 18.92
CA CYS A 90 -8.03 9.53 18.45
C CYS A 90 -7.75 9.65 16.97
N GLY A 91 -6.71 9.01 16.48
CA GLY A 91 -6.43 9.02 15.06
C GLY A 91 -5.75 7.76 14.65
N VAL A 92 -5.43 7.66 13.37
CA VAL A 92 -4.74 6.49 12.84
C VAL A 92 -3.86 6.90 11.67
N ASN A 93 -2.76 6.17 11.48
CA ASN A 93 -1.95 6.33 10.27
C ASN A 93 -2.61 5.52 9.15
N VAL A 94 -2.52 6.04 7.93
CA VAL A 94 -3.30 5.51 6.84
C VAL A 94 -2.48 5.48 5.57
N LEU A 95 -2.59 4.37 4.85
CA LEU A 95 -2.12 4.25 3.49
C LEU A 95 -3.34 4.15 2.58
N TRP A 96 -3.47 5.09 1.65
CA TRP A 96 -4.50 5.06 0.60
C TRP A 96 -3.87 4.58 -0.71
N LEU A 97 -4.40 3.50 -1.27
CA LEU A 97 -3.89 2.96 -2.55
C LEU A 97 -4.99 3.18 -3.56
N PHE A 98 -4.73 3.98 -4.59
CA PHE A 98 -5.72 4.24 -5.67
C PHE A 98 -5.26 3.61 -6.96
N THR A 99 -6.20 3.12 -7.75
CA THR A 99 -5.93 2.82 -9.15
C THR A 99 -6.97 3.53 -10.02
N LEU A 100 -6.47 4.28 -11.01
CA LEU A 100 -7.32 5.06 -11.92
C LEU A 100 -7.28 4.44 -13.32
N ASN A 101 -8.38 4.54 -14.05
CA ASN A 101 -8.40 4.11 -15.44
C ASN A 101 -7.87 5.24 -16.32
N GLN A 102 -7.68 4.98 -17.61
CA GLN A 102 -7.19 6.04 -18.53
C GLN A 102 -8.06 7.31 -18.48
N GLU A 103 -9.35 7.14 -18.19
CA GLU A 103 -10.28 8.27 -18.08
C GLU A 103 -10.19 9.02 -16.75
N LYS A 104 -9.32 8.58 -15.85
CA LYS A 104 -9.10 9.25 -14.55
C LYS A 104 -10.19 8.97 -13.51
N GLN A 105 -11.05 7.99 -13.77
CA GLN A 105 -11.99 7.52 -12.75
C GLN A 105 -11.23 6.65 -11.76
N ILE A 106 -11.73 6.54 -10.54
CA ILE A 106 -11.16 5.59 -9.60
C ILE A 106 -11.75 4.21 -9.87
N ILE A 107 -10.89 3.25 -10.19
CA ILE A 107 -11.31 1.87 -10.42
C ILE A 107 -11.42 1.17 -9.07
N HIS A 108 -10.39 1.35 -8.25
CA HIS A 108 -10.53 1.02 -6.83
C HIS A 108 -9.59 1.78 -5.92
N THR A 109 -9.97 1.77 -4.65
CA THR A 109 -9.24 2.41 -3.57
C THR A 109 -9.17 1.40 -2.45
N GLN A 110 -7.99 1.21 -1.88
CA GLN A 110 -7.84 0.45 -0.67
C GLN A 110 -7.31 1.37 0.40
N ILE A 111 -7.93 1.32 1.58
CA ILE A 111 -7.48 2.11 2.73
C ILE A 111 -6.92 1.13 3.74
N LYS A 112 -5.61 1.20 3.96
CA LYS A 112 -4.92 0.39 4.95
C LYS A 112 -4.55 1.21 6.18
N LEU A 113 -5.03 0.76 7.34
CA LEU A 113 -4.63 1.33 8.62
C LEU A 113 -3.34 0.71 9.11
N LEU A 114 -2.33 1.53 9.38
CA LEU A 114 -1.07 1.04 9.90
C LEU A 114 -1.06 0.78 11.42
N ALA A 115 -1.94 -0.11 11.87
CA ALA A 115 -2.26 -0.62 13.25
C ALA A 115 -1.62 -0.22 14.60
N SER A 116 -2.51 -0.08 15.58
CA SER A 116 -2.20 0.33 16.95
C SER A 116 -3.30 -0.04 17.94
N PRO A 117 -3.16 0.36 19.20
CA PRO A 117 -4.22 0.03 20.18
C PRO A 117 -5.49 0.87 20.03
N GLN A 118 -5.37 2.14 19.65
CA GLN A 118 -6.53 3.00 19.40
C GLN A 118 -7.40 2.50 18.22
N GLU A 119 -6.75 1.90 17.24
CA GLU A 119 -7.42 1.31 16.09
C GLU A 119 -8.31 0.12 16.52
N LEU A 120 -7.90 -0.62 17.55
CA LEU A 120 -8.65 -1.76 18.06
C LEU A 120 -9.97 -1.43 18.78
N LEU A 121 -10.15 -0.16 19.17
CA LEU A 121 -11.43 0.29 19.73
C LEU A 121 -12.35 0.93 18.67
N ALA A 122 -12.06 0.66 17.39
CA ALA A 122 -12.92 1.12 16.30
C ALA A 122 -14.37 0.62 16.43
N LEU A 123 -15.32 1.44 15.98
CA LEU A 123 -16.71 0.99 15.80
C LEU A 123 -16.79 -0.02 14.65
N ARG A 124 -16.14 0.32 13.54
CA ARG A 124 -16.03 -0.51 12.35
C ARG A 124 -17.20 -0.24 11.38
N ILE B 2 13.69 3.28 -3.86
CA ILE B 2 15.05 3.63 -3.35
C ILE B 2 15.38 5.10 -3.55
N ALA B 3 14.86 5.72 -4.61
CA ALA B 3 14.65 7.18 -4.60
C ALA B 3 13.65 7.50 -3.48
N GLY B 4 14.11 8.27 -2.50
CA GLY B 4 13.30 8.60 -1.32
C GLY B 4 13.53 7.71 -0.11
N ILE B 5 14.28 6.63 -0.28
CA ILE B 5 14.51 5.65 0.78
C ILE B 5 16.01 5.54 1.06
N THR B 6 16.37 5.63 2.33
CA THR B 6 17.71 5.34 2.78
C THR B 6 17.74 4.29 3.91
N GLU B 7 16.60 3.73 4.29
CA GLU B 7 16.51 2.71 5.36
C GLU B 7 17.31 1.44 5.00
N PRO B 8 18.41 1.15 5.73
CA PRO B 8 19.31 0.05 5.35
C PRO B 8 18.63 -1.31 5.15
N THR B 9 17.70 -1.67 6.04
CA THR B 9 17.02 -2.95 5.93
C THR B 9 16.41 -3.13 4.55
N ILE B 10 15.73 -2.09 4.03
CA ILE B 10 15.06 -2.21 2.73
C ILE B 10 16.08 -2.28 1.59
N LEU B 11 17.16 -1.51 1.68
CA LEU B 11 18.21 -1.60 0.68
C LEU B 11 18.74 -3.05 0.60
N GLN B 12 18.98 -3.64 1.77
CA GLN B 12 19.51 -5.00 1.84
C GLN B 12 18.51 -6.03 1.33
N TYR B 13 17.24 -5.88 1.69
CA TYR B 13 16.20 -6.77 1.17
C TYR B 13 16.41 -7.00 -0.33
N PHE B 14 16.45 -5.89 -1.08
CA PHE B 14 16.52 -5.95 -2.53
C PHE B 14 17.90 -6.36 -3.03
N ALA B 15 18.93 -5.92 -2.30
CA ALA B 15 20.29 -6.25 -2.65
C ALA B 15 20.53 -7.76 -2.56
N THR B 16 20.29 -8.34 -1.39
CA THR B 16 20.46 -9.78 -1.18
C THR B 16 19.55 -10.61 -2.08
N LEU B 17 18.29 -10.26 -2.06
CA LEU B 17 17.34 -10.98 -2.87
C LEU B 17 17.84 -10.99 -4.29
N ASN B 18 18.39 -9.87 -4.72
CA ASN B 18 18.95 -9.73 -6.02
C ASN B 18 20.39 -10.10 -5.90
N ALA B 19 20.63 -11.40 -5.88
CA ALA B 19 21.91 -12.06 -5.76
C ALA B 19 21.40 -13.46 -5.80
N GLY B 20 20.85 -13.91 -4.69
CA GLY B 20 20.30 -15.22 -4.60
C GLY B 20 20.55 -15.61 -3.19
N GLU B 21 20.82 -14.61 -2.39
CA GLU B 21 21.15 -14.84 -0.98
C GLU B 21 19.85 -14.88 -0.17
N PHE B 22 19.07 -15.92 -0.42
CA PHE B 22 17.71 -15.99 0.06
C PHE B 22 17.60 -16.12 1.57
N ALA B 23 18.51 -16.86 2.19
CA ALA B 23 18.53 -16.95 3.64
C ALA B 23 19.00 -15.62 4.28
N ALA B 24 19.79 -14.84 3.55
CA ALA B 24 20.23 -13.52 4.02
C ALA B 24 19.06 -12.55 3.98
N THR B 25 18.38 -12.51 2.84
CA THR B 25 17.10 -11.79 2.74
C THR B 25 16.21 -12.17 3.91
N ALA B 26 15.96 -13.46 4.09
CA ALA B 26 15.06 -13.91 5.13
C ALA B 26 15.56 -13.59 6.54
N ALA B 27 16.86 -13.39 6.69
CA ALA B 27 17.45 -13.01 7.98
C ALA B 27 16.98 -11.63 8.41
N LEU B 28 16.65 -10.80 7.42
CA LEU B 28 16.18 -9.43 7.67
C LEU B 28 14.86 -9.38 8.44
N PHE B 29 14.14 -10.49 8.46
CA PHE B 29 12.86 -10.55 9.12
C PHE B 29 13.02 -10.89 10.58
N ALA B 30 12.13 -10.39 11.42
CA ALA B 30 12.06 -10.87 12.80
C ALA B 30 11.72 -12.35 12.71
N VAL B 31 12.01 -13.12 13.76
CA VAL B 31 11.83 -14.58 13.70
C VAL B 31 10.35 -15.00 13.48
N ASP B 32 9.43 -14.11 13.85
CA ASP B 32 7.99 -14.29 13.62
C ASP B 32 7.46 -13.28 12.57
N GLY B 33 8.36 -12.71 11.78
CA GLY B 33 8.00 -11.89 10.64
C GLY B 33 7.25 -12.67 9.59
N VAL B 34 6.42 -11.98 8.82
CA VAL B 34 5.52 -12.61 7.87
C VAL B 34 5.73 -12.02 6.48
N MET B 35 5.84 -12.88 5.48
CA MET B 35 5.75 -12.40 4.13
C MET B 35 4.36 -12.71 3.58
N TYR B 36 3.75 -11.73 2.92
CA TYR B 36 2.47 -11.92 2.28
C TYR B 36 2.67 -11.87 0.77
N PRO B 37 2.75 -13.03 0.13
CA PRO B 37 2.97 -13.02 -1.29
C PRO B 37 1.64 -12.90 -2.04
N PRO B 38 1.69 -12.54 -3.33
CA PRO B 38 0.50 -12.17 -4.10
C PRO B 38 -0.67 -13.17 -4.09
N PHE B 39 -0.38 -14.46 -4.17
CA PHE B 39 -1.46 -15.45 -4.36
C PHE B 39 -1.66 -16.42 -3.19
N GLU B 40 -0.64 -16.67 -2.39
CA GLU B 40 -0.78 -17.52 -1.21
C GLU B 40 -1.06 -16.71 0.04
N SER B 41 -1.43 -17.39 1.11
CA SER B 41 -1.58 -16.77 2.41
C SER B 41 -0.17 -16.52 2.95
N GLY B 42 -0.12 -15.95 4.16
CA GLY B 42 1.13 -15.52 4.76
C GLY B 42 2.10 -16.67 5.02
N ILE B 43 3.39 -16.36 4.89
CA ILE B 43 4.48 -17.29 5.19
C ILE B 43 5.22 -16.73 6.41
N VAL B 44 5.38 -17.55 7.43
CA VAL B 44 5.98 -17.13 8.71
C VAL B 44 7.39 -17.68 8.93
N GLY B 45 8.31 -16.78 9.26
CA GLY B 45 9.66 -17.13 9.73
C GLY B 45 10.71 -17.33 8.64
N PRO B 46 11.94 -16.80 8.85
CA PRO B 46 13.05 -16.88 7.90
C PRO B 46 13.20 -18.19 7.09
N ASP B 47 12.94 -19.35 7.69
CA ASP B 47 13.06 -20.61 6.95
C ASP B 47 11.98 -20.80 5.87
N ALA B 48 10.71 -20.73 6.24
CA ALA B 48 9.61 -20.80 5.26
C ALA B 48 9.74 -19.64 4.27
N ILE B 49 10.13 -18.48 4.77
CA ILE B 49 10.38 -17.32 3.90
C ILE B 49 11.50 -17.58 2.91
N ALA B 50 12.62 -18.10 3.37
CA ALA B 50 13.76 -18.30 2.49
C ALA B 50 13.45 -19.37 1.47
N ALA B 51 12.71 -20.39 1.89
CA ALA B 51 12.23 -21.43 0.96
C ALA B 51 11.41 -20.78 -0.15
N TYR B 52 10.37 -20.06 0.24
CA TYR B 52 9.54 -19.36 -0.72
C TYR B 52 10.35 -18.55 -1.72
N LEU B 53 11.18 -17.64 -1.22
CA LEU B 53 11.99 -16.78 -2.08
C LEU B 53 12.90 -17.58 -3.03
N GLN B 54 13.52 -18.64 -2.52
CA GLN B 54 14.46 -19.39 -3.37
C GLN B 54 13.72 -20.14 -4.46
N GLN B 55 12.75 -20.93 -4.03
CA GLN B 55 11.99 -21.77 -4.94
C GLN B 55 10.65 -21.20 -5.33
N GLU B 56 10.65 -19.89 -5.60
CA GLU B 56 9.44 -19.17 -6.00
C GLU B 56 9.78 -17.91 -6.80
N ALA B 57 11.01 -17.44 -6.68
CA ALA B 57 11.45 -16.24 -7.39
C ALA B 57 12.86 -16.28 -7.97
N GLN B 58 13.30 -17.46 -8.40
CA GLN B 58 14.62 -17.63 -8.97
C GLN B 58 14.58 -17.13 -10.37
N GLY B 59 15.56 -16.34 -10.77
CA GLY B 59 15.54 -15.89 -12.17
C GLY B 59 14.71 -14.65 -12.42
N ILE B 60 14.24 -14.00 -11.35
CA ILE B 60 13.57 -12.72 -11.44
C ILE B 60 14.54 -11.61 -11.03
N LYS B 61 14.34 -10.42 -11.57
CA LYS B 61 15.07 -9.25 -11.16
C LYS B 61 14.05 -8.25 -10.59
N ALA B 62 14.14 -7.98 -9.30
CA ALA B 62 13.28 -7.00 -8.64
C ALA B 62 13.95 -5.64 -8.77
N GLU B 63 13.21 -4.65 -9.22
CA GLU B 63 13.77 -3.36 -9.63
C GLU B 63 13.08 -2.21 -8.92
N PRO B 64 13.48 -1.93 -7.68
CA PRO B 64 12.87 -0.84 -6.89
C PRO B 64 13.29 0.55 -7.39
N GLN B 65 12.30 1.36 -7.77
CA GLN B 65 12.53 2.67 -8.38
C GLN B 65 12.42 3.81 -7.35
N GLN B 66 11.32 3.82 -6.61
CA GLN B 66 11.00 4.92 -5.69
C GLN B 66 10.26 4.39 -4.47
N GLY B 67 10.16 5.21 -3.43
CA GLY B 67 9.42 4.82 -2.24
C GLY B 67 9.14 5.90 -1.23
N LEU B 68 8.26 5.60 -0.28
CA LEU B 68 7.99 6.46 0.87
C LEU B 68 8.30 5.76 2.17
N ALA B 69 8.47 6.54 3.24
CA ALA B 69 8.65 6.00 4.57
C ALA B 69 7.93 6.87 5.61
N GLU B 70 7.44 6.24 6.67
CA GLU B 70 6.72 6.92 7.74
C GLU B 70 7.06 6.26 9.08
N THR B 71 6.92 6.97 10.18
CA THR B 71 7.16 6.39 11.49
C THR B 71 5.93 6.54 12.33
N SER B 72 5.41 5.41 12.77
CA SER B 72 4.31 5.40 13.69
C SER B 72 4.86 5.61 15.08
N GLU B 73 3.98 6.01 15.98
CA GLU B 73 4.34 6.41 17.33
C GLU B 73 4.75 5.23 18.23
N ASP B 74 4.51 4.00 17.78
CA ASP B 74 5.05 2.82 18.48
C ASP B 74 6.47 2.43 18.01
N GLY B 75 7.14 3.32 17.27
CA GLY B 75 8.50 3.11 16.81
C GLY B 75 8.66 2.24 15.56
N HIS B 76 7.55 1.81 14.94
CA HIS B 76 7.62 1.01 13.75
C HIS B 76 7.81 1.93 12.56
N THR B 77 8.57 1.47 11.57
CA THR B 77 8.77 2.20 10.34
C THR B 77 7.95 1.52 9.27
N GLN B 78 7.19 2.29 8.51
CA GLN B 78 6.48 1.78 7.35
C GLN B 78 7.16 2.31 6.10
N VAL B 79 7.42 1.41 5.16
CA VAL B 79 8.10 1.76 3.93
C VAL B 79 7.38 1.17 2.71
N GLN B 80 6.98 2.05 1.79
CA GLN B 80 6.32 1.62 0.55
C GLN B 80 7.29 1.84 -0.58
N VAL B 81 7.49 0.81 -1.39
CA VAL B 81 8.44 0.88 -2.49
C VAL B 81 7.77 0.37 -3.76
N SER B 82 7.85 1.15 -4.83
CA SER B 82 7.26 0.75 -6.10
C SER B 82 8.37 0.53 -7.11
N GLY B 83 8.10 -0.37 -8.05
CA GLY B 83 9.09 -0.68 -9.07
C GLY B 83 8.58 -1.77 -9.98
N LYS B 84 9.51 -2.56 -10.53
CA LYS B 84 9.19 -3.60 -11.47
C LYS B 84 9.87 -4.88 -11.06
N ALA B 85 9.27 -5.99 -11.45
CA ALA B 85 9.91 -7.29 -11.39
C ALA B 85 9.95 -7.84 -12.81
N GLN B 86 11.14 -8.08 -13.35
CA GLN B 86 11.29 -8.51 -14.73
C GLN B 86 11.98 -9.88 -14.85
N THR B 87 11.47 -10.67 -15.79
CA THR B 87 12.05 -11.95 -16.19
C THR B 87 12.38 -11.83 -17.69
N SER B 88 12.79 -12.93 -18.33
CA SER B 88 13.19 -12.88 -19.74
C SER B 88 12.04 -12.55 -20.68
N TRP B 89 10.84 -12.96 -20.30
CA TRP B 89 9.69 -13.01 -21.22
C TRP B 89 8.55 -12.08 -20.83
N CYS B 90 8.51 -11.67 -19.58
CA CYS B 90 7.46 -10.80 -19.09
C CYS B 90 7.96 -10.06 -17.84
N GLY B 91 7.19 -9.09 -17.44
CA GLY B 91 7.54 -8.26 -16.30
C GLY B 91 6.27 -7.66 -15.75
N VAL B 92 6.34 -7.11 -14.54
CA VAL B 92 5.18 -6.52 -13.93
C VAL B 92 5.58 -5.38 -12.99
N ASN B 93 4.66 -4.45 -12.82
CA ASN B 93 4.80 -3.43 -11.81
C ASN B 93 4.43 -4.01 -10.44
N VAL B 94 5.14 -3.53 -9.43
CA VAL B 94 5.08 -4.12 -8.12
C VAL B 94 5.11 -3.03 -7.08
N LEU B 95 4.26 -3.22 -6.07
CA LEU B 95 4.32 -2.41 -4.86
C LEU B 95 4.74 -3.34 -3.74
N TRP B 96 5.87 -2.99 -3.11
CA TRP B 96 6.36 -3.68 -1.92
C TRP B 96 6.04 -2.85 -0.69
N LEU B 97 5.28 -3.42 0.24
CA LEU B 97 4.89 -2.71 1.46
C LEU B 97 5.61 -3.36 2.61
N PHE B 98 6.49 -2.62 3.29
CA PHE B 98 7.27 -3.15 4.41
C PHE B 98 6.87 -2.47 5.70
N THR B 99 6.90 -3.22 6.80
CA THR B 99 6.81 -2.62 8.12
C THR B 99 7.94 -3.19 8.98
N LEU B 100 8.69 -2.30 9.64
CA LEU B 100 9.84 -2.66 10.49
C LEU B 100 9.50 -2.43 11.95
N ASN B 101 10.10 -3.21 12.84
CA ASN B 101 9.97 -2.97 14.28
C ASN B 101 11.01 -1.93 14.72
N GLN B 102 10.98 -1.52 15.99
CA GLN B 102 11.99 -0.63 16.56
C GLN B 102 13.44 -1.03 16.20
N GLU B 103 13.69 -2.34 16.15
CA GLU B 103 15.01 -2.90 15.84
C GLU B 103 15.35 -2.89 14.36
N LYS B 104 14.43 -2.44 13.51
CA LYS B 104 14.64 -2.38 12.05
C LYS B 104 14.57 -3.73 11.34
N GLN B 105 14.06 -4.76 12.03
CA GLN B 105 13.76 -6.04 11.41
C GLN B 105 12.47 -5.89 10.62
N ILE B 106 12.28 -6.73 9.60
CA ILE B 106 11.01 -6.72 8.89
C ILE B 106 9.94 -7.50 9.67
N ILE B 107 8.86 -6.82 10.06
CA ILE B 107 7.73 -7.43 10.74
C ILE B 107 6.81 -8.04 9.70
N HIS B 108 6.54 -7.32 8.63
CA HIS B 108 6.00 -7.93 7.44
C HIS B 108 6.28 -7.20 6.15
N THR B 109 6.13 -7.96 5.07
CA THR B 109 6.24 -7.48 3.71
C THR B 109 5.03 -7.99 2.96
N GLN B 110 4.39 -7.11 2.21
CA GLN B 110 3.32 -7.48 1.32
C GLN B 110 3.75 -7.10 -0.08
N ILE B 111 3.55 -8.01 -1.02
CA ILE B 111 3.87 -7.77 -2.43
C ILE B 111 2.57 -7.67 -3.18
N LYS B 112 2.28 -6.47 -3.68
CA LYS B 112 1.12 -6.22 -4.50
C LYS B 112 1.49 -6.02 -5.97
N LEU B 113 0.88 -6.83 -6.81
CA LEU B 113 1.08 -6.72 -8.26
C LEU B 113 0.11 -5.67 -8.81
N LEU B 114 0.66 -4.56 -9.34
CA LEU B 114 -0.12 -3.47 -9.91
C LEU B 114 -0.59 -3.79 -11.34
N ALA B 115 -1.46 -4.78 -11.44
CA ALA B 115 -1.77 -5.43 -12.70
C ALA B 115 -3.06 -6.15 -12.51
N SER B 116 -3.71 -6.51 -13.63
CA SER B 116 -4.98 -7.25 -13.64
C SER B 116 -4.86 -8.73 -14.08
N PRO B 117 -4.80 -8.96 -15.39
CA PRO B 117 -4.76 -10.29 -16.01
C PRO B 117 -3.57 -11.03 -15.51
N GLN B 118 -3.79 -11.89 -14.52
CA GLN B 118 -2.71 -12.57 -13.87
C GLN B 118 -2.20 -13.87 -14.46
N GLU B 119 -2.62 -14.96 -13.86
CA GLU B 119 -2.15 -16.27 -14.26
C GLU B 119 -3.26 -17.29 -14.20
C URE C . 1.05 12.49 -9.68
O URE C . 0.13 12.68 -8.90
N1 URE C . 0.84 12.54 -11.00
N2 URE C . 2.28 12.21 -9.24
C URE D . -11.67 7.61 3.61
O URE D . -12.32 6.62 3.30
N1 URE D . -11.87 8.20 4.79
N2 URE D . -10.77 8.12 2.79
C URE E . 13.79 5.72 5.37
O URE E . 14.77 6.24 5.84
N1 URE E . 13.09 4.81 6.06
N2 URE E . 13.38 6.04 4.14
#